data_3DZT
#
_entry.id   3DZT
#
_cell.length_a   49.567
_cell.length_b   65.307
_cell.length_c   52.195
_cell.angle_alpha   90.000
_cell.angle_beta   112.340
_cell.angle_gamma   90.000
#
_symmetry.space_group_name_H-M   'P 1 21 1'
#
loop_
_entity.id
_entity.type
_entity.pdbx_description
1 polymer 'D7 protein'
2 non-polymer 'CHLORIDE ION'
3 non-polymer '(5S,7E,9E,11Z,14Z)-5-hydroxyicosa-7,9,11,14-tetraenoic acid'
4 non-polymer 2-AMINO-2-HYDROXYMETHYL-PROPANE-1,3-DIOL
5 non-polymer GLYCEROL
6 water water
#
_entity_poly.entity_id   1
_entity_poly.type   'polypeptide(L)'
_entity_poly.pdbx_seq_one_letter_code
;MGPFDPEEMLFIFTRCMEDNLEDGANRLPMLAKWKEWINEPVDSPATQCFGKCVLVRTGLYDPVAQKFDASVIQEQFKAY
PSLGEKSKVEAYANAVKQLPSTNNDCAAVFKAYDPVHKAHKDTSKNLFHGNKELTKGLYEKLGKDIRQKKQSYFEFCENK
YYPAGSDKRQQLCQIRQYTVLDDALFKEHTDCVMKGIRYITKDNQLDVEEVKRDFKLVNKDTKALEEVLNDCKSKEPSNA
KEKSWHYYKCLVESSVKDDFKEAFDYREVRSQIYAFNLPKNQAYSKPAVQSQVMEIDGKQCPQ
;
_entity_poly.pdbx_strand_id   A
#
# COMPACT_ATOMS: atom_id res chain seq x y z
N MET A 1 0.32 12.15 0.75
CA MET A 1 -0.41 11.97 -0.54
C MET A 1 0.57 11.82 -1.71
N GLY A 2 0.29 12.52 -2.83
CA GLY A 2 1.08 12.45 -4.08
C GLY A 2 2.39 13.23 -4.05
N PRO A 3 3.29 12.98 -5.02
CA PRO A 3 3.16 12.04 -6.13
C PRO A 3 3.40 10.59 -5.68
N PHE A 4 3.06 9.63 -6.55
CA PHE A 4 3.10 8.22 -6.22
C PHE A 4 4.04 7.51 -7.14
N ASP A 5 4.91 6.68 -6.57
CA ASP A 5 5.81 5.84 -7.37
C ASP A 5 5.06 4.56 -7.81
N PRO A 6 5.70 3.71 -8.64
CA PRO A 6 4.97 2.55 -9.17
C PRO A 6 4.44 1.58 -8.09
N GLU A 7 5.19 1.41 -7.01
CA GLU A 7 4.80 0.52 -5.92
C GLU A 7 3.61 1.15 -5.19
N GLU A 8 3.64 2.47 -5.01
CA GLU A 8 2.56 3.15 -4.30
C GLU A 8 1.28 3.02 -5.08
N MET A 9 1.36 3.17 -6.41
CA MET A 9 0.17 2.93 -7.22
C MET A 9 -0.29 1.49 -7.21
N LEU A 10 0.66 0.55 -7.24
CA LEU A 10 0.30 -0.87 -7.25
C LEU A 10 -0.40 -1.22 -5.95
N PHE A 11 0.09 -0.64 -4.84
CA PHE A 11 -0.57 -0.83 -3.56
C PHE A 11 -2.03 -0.36 -3.61
N ILE A 12 -2.23 0.84 -4.12
CA ILE A 12 -3.56 1.43 -4.22
C ILE A 12 -4.46 0.58 -5.09
N PHE A 13 -4.00 0.25 -6.29
CA PHE A 13 -4.85 -0.52 -7.22
C PHE A 13 -5.26 -1.86 -6.61
N THR A 14 -4.28 -2.60 -6.07
CA THR A 14 -4.54 -3.94 -5.53
C THR A 14 -5.39 -3.93 -4.26
N ARG A 15 -5.16 -2.96 -3.37
CA ARG A 15 -6.00 -2.82 -2.17
C ARG A 15 -7.45 -2.52 -2.58
N CYS A 16 -7.62 -1.57 -3.50
CA CYS A 16 -8.96 -1.20 -3.94
C CYS A 16 -9.65 -2.37 -4.63
N MET A 17 -8.92 -3.14 -5.42
CA MET A 17 -9.52 -4.36 -6.01
C MET A 17 -9.87 -5.37 -4.94
N GLU A 18 -8.92 -5.64 -4.02
CA GLU A 18 -9.17 -6.61 -2.95
C GLU A 18 -10.43 -6.26 -2.15
N ASP A 19 -10.62 -4.97 -1.88
CA ASP A 19 -11.73 -4.51 -1.06
C ASP A 19 -13.08 -4.43 -1.80
N ASN A 20 -13.04 -4.50 -3.14
CA ASN A 20 -14.25 -4.23 -3.92
C ASN A 20 -14.70 -5.30 -4.91
N LEU A 21 -13.80 -6.20 -5.32
CA LEU A 21 -14.20 -7.33 -6.17
C LEU A 21 -15.33 -8.12 -5.54
N GLU A 22 -16.27 -8.55 -6.37
CA GLU A 22 -17.31 -9.45 -5.89
C GLU A 22 -16.69 -10.79 -5.52
N ASP A 23 -17.39 -11.54 -4.69
CA ASP A 23 -17.08 -12.94 -4.50
C ASP A 23 -18.02 -13.69 -5.45
N GLY A 24 -17.63 -14.85 -5.91
CA GLY A 24 -18.52 -15.58 -6.81
C GLY A 24 -18.25 -15.42 -8.29
N ALA A 25 -19.28 -15.67 -9.09
CA ALA A 25 -19.14 -15.87 -10.54
C ALA A 25 -18.52 -14.68 -11.28
N ASN A 26 -18.88 -13.47 -10.87
CA ASN A 26 -18.41 -12.25 -11.56
C ASN A 26 -16.98 -11.82 -11.21
N ARG A 27 -16.39 -12.45 -10.21
CA ARG A 27 -15.08 -12.03 -9.69
C ARG A 27 -13.96 -11.99 -10.76
N LEU A 28 -13.72 -13.13 -11.40
CA LEU A 28 -12.63 -13.18 -12.39
C LEU A 28 -12.91 -12.31 -13.64
N PRO A 29 -14.13 -12.38 -14.22
CA PRO A 29 -14.54 -11.43 -15.26
C PRO A 29 -14.33 -9.94 -14.93
N MET A 30 -14.72 -9.52 -13.72
CA MET A 30 -14.50 -8.16 -13.24
C MET A 30 -13.04 -7.81 -13.19
N LEU A 31 -12.29 -8.68 -12.54
CA LEU A 31 -10.86 -8.50 -12.39
C LEU A 31 -10.21 -8.35 -13.77
N ALA A 32 -10.64 -9.18 -14.72
CA ALA A 32 -10.09 -9.13 -16.10
C ALA A 32 -10.27 -7.74 -16.72
N LYS A 33 -11.44 -7.14 -16.51
CA LYS A 33 -11.72 -5.80 -17.03
C LYS A 33 -10.95 -4.71 -16.27
N TRP A 34 -11.04 -4.73 -14.94
CA TRP A 34 -10.42 -3.66 -14.17
C TRP A 34 -8.91 -3.60 -14.38
N LYS A 35 -8.30 -4.78 -14.53
CA LYS A 35 -6.86 -4.86 -14.75
C LYS A 35 -6.41 -4.19 -16.03
N GLU A 36 -7.33 -4.04 -16.98
CA GLU A 36 -7.01 -3.43 -18.27
C GLU A 36 -7.54 -2.00 -18.34
N TRP A 37 -7.85 -1.42 -17.17
CA TRP A 37 -8.40 -0.06 -17.07
C TRP A 37 -9.78 0.09 -17.73
N ILE A 38 -10.53 -1.01 -17.77
CA ILE A 38 -11.91 -1.00 -18.26
C ILE A 38 -12.82 -0.97 -17.03
N ASN A 39 -13.37 0.20 -16.73
CA ASN A 39 -14.19 0.31 -15.51
C ASN A 39 -15.61 -0.13 -15.80
N GLU A 40 -15.75 -1.45 -15.91
CA GLU A 40 -17.02 -2.08 -16.23
C GLU A 40 -17.26 -3.27 -15.29
N PRO A 41 -18.54 -3.64 -15.10
CA PRO A 41 -19.76 -2.99 -15.61
C PRO A 41 -20.04 -1.67 -14.88
N VAL A 42 -20.45 -0.64 -15.61
CA VAL A 42 -20.68 0.69 -14.98
C VAL A 42 -21.85 0.72 -13.98
N ASP A 43 -22.83 -0.18 -14.15
CA ASP A 43 -23.98 -0.20 -13.26
C ASP A 43 -23.76 -1.05 -12.00
N SER A 44 -22.59 -1.67 -11.92
CA SER A 44 -22.27 -2.55 -10.78
C SER A 44 -21.74 -1.76 -9.60
N PRO A 45 -22.36 -1.95 -8.42
CA PRO A 45 -21.83 -1.29 -7.23
C PRO A 45 -20.36 -1.61 -6.95
N ALA A 46 -19.90 -2.81 -7.30
CA ALA A 46 -18.49 -3.19 -7.07
C ALA A 46 -17.55 -2.32 -7.89
N THR A 47 -17.88 -2.14 -9.16
CA THR A 47 -17.08 -1.28 -10.03
C THR A 47 -17.09 0.18 -9.56
N GLN A 48 -18.26 0.64 -9.16
CA GLN A 48 -18.43 2.02 -8.72
C GLN A 48 -17.59 2.31 -7.48
N CYS A 49 -17.63 1.38 -6.51
CA CYS A 49 -16.86 1.53 -5.28
C CYS A 49 -15.37 1.32 -5.49
N PHE A 50 -15.00 0.41 -6.39
CA PHE A 50 -13.59 0.27 -6.79
C PHE A 50 -13.06 1.61 -7.34
N GLY A 51 -13.78 2.19 -8.30
CA GLY A 51 -13.39 3.49 -8.89
C GLY A 51 -13.25 4.57 -7.80
N LYS A 52 -14.27 4.73 -6.96
CA LYS A 52 -14.19 5.73 -5.87
C LYS A 52 -12.96 5.48 -4.97
N CYS A 53 -12.73 4.23 -4.60
CA CYS A 53 -11.56 3.84 -3.77
C CYS A 53 -10.25 4.38 -4.34
N VAL A 54 -9.99 4.12 -5.61
CA VAL A 54 -8.77 4.60 -6.26
C VAL A 54 -8.71 6.14 -6.27
N LEU A 55 -9.83 6.76 -6.62
CA LEU A 55 -9.92 8.22 -6.68
C LEU A 55 -9.66 8.85 -5.31
N VAL A 56 -10.17 8.20 -4.27
CA VAL A 56 -9.94 8.69 -2.90
C VAL A 56 -8.47 8.51 -2.47
N ARG A 57 -7.90 7.32 -2.73
CA ARG A 57 -6.54 7.02 -2.27
C ARG A 57 -5.50 7.86 -2.99
N THR A 58 -5.77 8.25 -4.24
CA THR A 58 -4.86 9.08 -5.00
C THR A 58 -5.03 10.58 -4.69
N GLY A 59 -6.18 10.93 -4.10
CA GLY A 59 -6.53 12.33 -3.85
C GLY A 59 -7.27 13.02 -4.98
N LEU A 60 -7.56 12.29 -6.07
CA LEU A 60 -8.31 12.88 -7.19
C LEU A 60 -9.73 13.23 -6.81
N TYR A 61 -10.30 12.47 -5.86
CA TYR A 61 -11.58 12.85 -5.27
C TYR A 61 -11.34 13.05 -3.79
N ASP A 62 -11.76 14.22 -3.30
CA ASP A 62 -11.57 14.61 -1.92
C ASP A 62 -12.93 14.55 -1.22
N PRO A 63 -13.14 13.50 -0.40
CA PRO A 63 -14.43 13.22 0.19
C PRO A 63 -14.82 14.23 1.29
N VAL A 64 -13.85 15.01 1.77
CA VAL A 64 -14.12 16.08 2.75
C VAL A 64 -14.65 17.31 2.01
N ALA A 65 -13.95 17.69 0.94
CA ALA A 65 -14.36 18.80 0.11
C ALA A 65 -15.57 18.45 -0.76
N GLN A 66 -15.85 17.16 -0.91
CA GLN A 66 -16.84 16.63 -1.87
C GLN A 66 -16.63 17.25 -3.24
N LYS A 67 -15.37 17.23 -3.65
CA LYS A 67 -14.90 17.84 -4.90
C LYS A 67 -13.78 16.98 -5.44
N PHE A 68 -13.62 16.99 -6.76
CA PHE A 68 -12.43 16.43 -7.39
C PHE A 68 -11.27 17.42 -7.27
N ASP A 69 -10.04 16.92 -7.36
CA ASP A 69 -8.86 17.74 -7.16
C ASP A 69 -7.80 17.42 -8.19
N ALA A 70 -7.62 18.32 -9.14
CA ALA A 70 -6.67 18.09 -10.22
C ALA A 70 -5.20 18.30 -9.83
N SER A 71 -4.96 18.76 -8.60
CA SER A 71 -3.61 19.02 -8.11
C SER A 71 -2.71 17.81 -8.20
N VAL A 72 -3.23 16.62 -7.87
CA VAL A 72 -2.41 15.41 -7.86
C VAL A 72 -1.91 15.09 -9.26
N ILE A 73 -2.70 15.48 -10.28
CA ILE A 73 -2.28 15.26 -11.68
C ILE A 73 -1.04 16.09 -11.97
N GLN A 74 -1.10 17.36 -11.58
CA GLN A 74 0.06 18.23 -11.77
C GLN A 74 1.26 17.75 -10.95
N GLU A 75 1.01 17.32 -9.71
CA GLU A 75 2.09 16.79 -8.87
C GLU A 75 2.71 15.54 -9.47
N GLN A 76 1.86 14.68 -10.03
CA GLN A 76 2.32 13.43 -10.62
C GLN A 76 3.19 13.70 -11.85
N PHE A 77 2.75 14.63 -12.71
CA PHE A 77 3.48 14.97 -13.92
C PHE A 77 4.82 15.64 -13.60
N LYS A 78 4.82 16.48 -12.57
CA LYS A 78 6.07 17.13 -12.12
C LYS A 78 7.12 16.07 -11.71
N ALA A 79 6.65 15.05 -11.00
CA ALA A 79 7.51 13.95 -10.55
C ALA A 79 7.97 13.05 -11.71
N TYR A 80 7.11 12.86 -12.72
CA TYR A 80 7.40 11.93 -13.83
C TYR A 80 7.18 12.54 -15.22
N PRO A 81 8.07 13.48 -15.62
CA PRO A 81 7.87 14.17 -16.90
C PRO A 81 7.89 13.19 -18.07
N SER A 82 8.54 12.04 -17.91
CA SER A 82 8.63 11.05 -19.00
C SER A 82 7.30 10.33 -19.25
N LEU A 83 6.38 10.45 -18.29
CA LEU A 83 5.10 9.72 -18.36
C LEU A 83 3.91 10.52 -18.91
N GLY A 84 4.17 11.69 -19.47
CA GLY A 84 3.10 12.48 -20.06
C GLY A 84 3.59 13.49 -21.07
N GLU A 85 2.70 13.87 -21.96
CA GLU A 85 2.92 14.97 -22.89
C GLU A 85 2.19 16.16 -22.27
N LYS A 86 2.88 17.28 -22.10
CA LYS A 86 2.31 18.43 -21.35
C LYS A 86 0.87 18.79 -21.75
N SER A 87 0.61 18.89 -23.05
CA SER A 87 -0.70 19.32 -23.55
C SER A 87 -1.80 18.32 -23.14
N LYS A 88 -1.48 17.03 -23.21
CA LYS A 88 -2.44 15.97 -22.86
C LYS A 88 -2.67 15.90 -21.35
N VAL A 89 -1.60 16.08 -20.59
CA VAL A 89 -1.72 16.16 -19.12
C VAL A 89 -2.58 17.36 -18.71
N GLU A 90 -2.31 18.53 -19.30
CA GLU A 90 -3.15 19.70 -19.08
C GLU A 90 -4.63 19.48 -19.41
N ALA A 91 -4.89 18.80 -20.54
CA ALA A 91 -6.26 18.52 -20.95
C ALA A 91 -7.00 17.66 -19.90
N TYR A 92 -6.33 16.63 -19.41
CA TYR A 92 -6.83 15.74 -18.36
C TYR A 92 -7.08 16.52 -17.06
N ALA A 93 -6.10 17.27 -16.59
CA ALA A 93 -6.27 18.13 -15.39
C ALA A 93 -7.43 19.10 -15.52
N ASN A 94 -7.55 19.71 -16.71
CA ASN A 94 -8.66 20.61 -17.01
C ASN A 94 -10.01 19.88 -16.97
N ALA A 95 -10.07 18.66 -17.50
CA ALA A 95 -11.30 17.85 -17.46
C ALA A 95 -11.70 17.59 -16.01
N VAL A 96 -10.72 17.24 -15.18
CA VAL A 96 -10.97 17.06 -13.75
C VAL A 96 -11.37 18.35 -13.03
N LYS A 97 -10.66 19.44 -13.31
CA LYS A 97 -10.92 20.74 -12.70
C LYS A 97 -12.35 21.20 -12.96
N GLN A 98 -12.90 20.79 -14.09
CA GLN A 98 -14.23 21.19 -14.53
C GLN A 98 -15.38 20.25 -14.15
N LEU A 99 -15.05 19.16 -13.46
CA LEU A 99 -16.07 18.30 -12.87
C LEU A 99 -16.76 19.06 -11.74
N PRO A 100 -18.09 18.86 -11.58
CA PRO A 100 -18.79 19.63 -10.56
C PRO A 100 -18.55 19.04 -9.17
N SER A 101 -18.96 19.77 -8.15
CA SER A 101 -18.96 19.19 -6.81
C SER A 101 -19.85 17.96 -6.81
N THR A 102 -19.39 16.93 -6.11
CA THR A 102 -20.02 15.63 -6.22
C THR A 102 -20.13 15.00 -4.85
N ASN A 103 -21.32 14.47 -4.55
CA ASN A 103 -21.57 13.76 -3.30
C ASN A 103 -20.63 12.58 -3.08
N ASN A 104 -20.32 12.33 -1.82
CA ASN A 104 -19.38 11.31 -1.44
C ASN A 104 -20.05 9.95 -1.26
N ASP A 105 -20.52 9.41 -2.38
CA ASP A 105 -20.99 8.04 -2.43
C ASP A 105 -20.45 7.40 -3.70
N CYS A 106 -20.30 6.08 -3.69
CA CYS A 106 -19.65 5.39 -4.83
C CYS A 106 -20.28 5.73 -6.18
N ALA A 107 -21.60 5.59 -6.28
CA ALA A 107 -22.27 5.82 -7.56
C ALA A 107 -22.07 7.23 -8.12
N ALA A 108 -22.18 8.25 -7.26
CA ALA A 108 -22.07 9.65 -7.71
C ALA A 108 -20.66 9.98 -8.20
N VAL A 109 -19.67 9.56 -7.42
CA VAL A 109 -18.26 9.81 -7.73
C VAL A 109 -17.89 9.08 -9.01
N PHE A 110 -18.28 7.81 -9.10
CA PHE A 110 -17.97 7.01 -10.29
C PHE A 110 -18.61 7.61 -11.52
N LYS A 111 -19.89 7.96 -11.41
CA LYS A 111 -20.63 8.53 -12.53
C LYS A 111 -19.99 9.81 -13.04
N ALA A 112 -19.57 10.68 -12.12
CA ALA A 112 -18.94 11.94 -12.49
C ALA A 112 -17.59 11.76 -13.18
N TYR A 113 -16.77 10.84 -12.68
CA TYR A 113 -15.41 10.66 -13.18
C TYR A 113 -15.39 9.83 -14.47
N ASP A 114 -16.36 8.95 -14.66
CA ASP A 114 -16.28 7.99 -15.76
C ASP A 114 -16.05 8.65 -17.14
N PRO A 115 -16.75 9.76 -17.45
CA PRO A 115 -16.47 10.45 -18.73
C PRO A 115 -15.02 10.92 -18.89
N VAL A 116 -14.40 11.35 -17.80
CA VAL A 116 -12.97 11.75 -17.79
C VAL A 116 -12.08 10.53 -18.00
N HIS A 117 -12.40 9.44 -17.26
CA HIS A 117 -11.66 8.20 -17.38
C HIS A 117 -11.56 7.79 -18.85
N LYS A 118 -12.70 7.74 -19.52
CA LYS A 118 -12.73 7.24 -20.89
C LYS A 118 -12.08 8.22 -21.88
N ALA A 119 -12.29 9.52 -21.67
CA ALA A 119 -11.74 10.56 -22.58
C ALA A 119 -10.25 10.80 -22.36
N HIS A 120 -9.75 10.40 -21.19
CA HIS A 120 -8.34 10.62 -20.84
C HIS A 120 -7.61 9.33 -20.38
N LYS A 121 -8.11 8.19 -20.83
CA LYS A 121 -7.65 6.90 -20.26
C LYS A 121 -6.14 6.69 -20.38
N ASP A 122 -5.59 6.86 -21.58
CA ASP A 122 -4.17 6.63 -21.78
C ASP A 122 -3.34 7.67 -21.02
N THR A 123 -3.76 8.93 -21.02
CA THR A 123 -3.03 9.96 -20.25
C THR A 123 -2.93 9.54 -18.79
N SER A 124 -4.06 9.16 -18.22
CA SER A 124 -4.14 8.82 -16.79
C SER A 124 -3.40 7.54 -16.51
N LYS A 125 -3.61 6.52 -17.35
CA LYS A 125 -2.90 5.24 -17.25
C LYS A 125 -1.38 5.43 -17.26
N ASN A 126 -0.87 6.21 -18.21
CA ASN A 126 0.57 6.44 -18.32
C ASN A 126 1.15 7.15 -17.11
N LEU A 127 0.45 8.20 -16.67
CA LEU A 127 0.92 9.06 -15.59
C LEU A 127 0.97 8.33 -14.27
N PHE A 128 0.00 7.46 -14.06
CA PHE A 128 -0.20 6.81 -12.75
C PHE A 128 0.27 5.35 -12.71
N HIS A 129 1.28 5.05 -13.52
CA HIS A 129 2.00 3.76 -13.43
C HIS A 129 1.10 2.60 -13.76
N GLY A 130 0.24 2.82 -14.76
CA GLY A 130 -0.67 1.79 -15.22
C GLY A 130 -0.19 1.14 -16.50
N ASN A 131 0.79 1.78 -17.16
CA ASN A 131 1.36 1.30 -18.43
C ASN A 131 2.50 0.33 -18.12
N LYS A 132 2.23 -0.95 -18.37
CA LYS A 132 3.22 -2.02 -18.17
C LYS A 132 4.59 -1.76 -18.83
N GLU A 133 4.60 -1.28 -20.08
CA GLU A 133 5.87 -0.96 -20.74
C GLU A 133 6.63 0.16 -20.04
N LEU A 134 5.92 1.22 -19.66
CA LEU A 134 6.55 2.36 -19.01
C LEU A 134 7.02 2.04 -17.58
N THR A 135 6.20 1.29 -16.87
CA THR A 135 6.51 0.92 -15.50
C THR A 135 7.69 -0.05 -15.42
N LYS A 136 7.78 -0.97 -16.40
CA LYS A 136 8.90 -1.90 -16.46
C LYS A 136 10.22 -1.13 -16.47
N GLY A 137 10.29 -0.12 -17.34
CA GLY A 137 11.46 0.75 -17.43
C GLY A 137 11.80 1.46 -16.13
N LEU A 138 10.78 1.94 -15.43
CA LEU A 138 11.01 2.61 -14.13
C LEU A 138 11.52 1.65 -13.07
N TYR A 139 10.91 0.47 -12.97
CA TYR A 139 11.37 -0.51 -11.99
C TYR A 139 12.85 -0.89 -12.22
N GLU A 140 13.21 -1.07 -13.49
CA GLU A 140 14.61 -1.39 -13.85
C GLU A 140 15.58 -0.29 -13.40
N LYS A 141 15.17 0.97 -13.61
CA LYS A 141 15.98 2.12 -13.25
C LYS A 141 16.18 2.19 -11.74
N LEU A 142 15.09 2.01 -10.99
CA LEU A 142 15.10 2.11 -9.54
C LEU A 142 15.75 0.90 -8.87
N GLY A 143 15.55 -0.29 -9.43
CA GLY A 143 16.28 -1.48 -8.99
C GLY A 143 16.10 -1.72 -7.50
N LYS A 144 17.20 -1.85 -6.76
CA LYS A 144 17.12 -2.14 -5.31
C LYS A 144 16.54 -1.00 -4.44
N ASP A 145 16.33 0.18 -5.04
CA ASP A 145 15.83 1.34 -4.28
C ASP A 145 14.30 1.40 -4.15
N ILE A 146 13.61 0.48 -4.82
CA ILE A 146 12.16 0.37 -4.64
C ILE A 146 11.78 -1.11 -4.49
N ARG A 147 10.70 -1.38 -3.75
CA ARG A 147 10.19 -2.74 -3.68
C ARG A 147 9.71 -3.14 -5.08
N GLN A 148 10.22 -4.27 -5.56
CA GLN A 148 9.94 -4.73 -6.93
C GLN A 148 8.71 -5.61 -6.91
N LYS A 149 8.09 -5.80 -8.08
CA LYS A 149 6.92 -6.70 -8.13
C LYS A 149 7.32 -8.11 -7.68
N LYS A 150 6.43 -8.75 -6.93
CA LYS A 150 6.63 -10.12 -6.40
C LYS A 150 7.75 -10.23 -5.34
N GLN A 151 8.14 -9.08 -4.77
CA GLN A 151 9.18 -9.08 -3.74
C GLN A 151 8.58 -8.79 -2.39
N SER A 152 8.86 -9.64 -1.40
CA SER A 152 8.50 -9.32 -0.01
C SER A 152 8.92 -7.90 0.35
N TYR A 153 8.01 -7.11 0.93
CA TYR A 153 8.40 -5.76 1.35
C TYR A 153 9.48 -5.83 2.42
N PHE A 154 9.40 -6.88 3.25
CA PHE A 154 10.36 -7.03 4.36
C PHE A 154 11.73 -7.29 3.75
N GLU A 155 11.79 -8.15 2.74
CA GLU A 155 13.06 -8.44 2.05
CA GLU A 155 13.09 -8.42 2.11
C GLU A 155 13.67 -7.18 1.42
N PHE A 156 12.81 -6.39 0.78
CA PHE A 156 13.26 -5.09 0.20
C PHE A 156 14.00 -4.24 1.25
N CYS A 157 13.35 -4.04 2.40
CA CYS A 157 13.96 -3.23 3.48
C CYS A 157 15.22 -3.88 4.01
N GLU A 158 15.17 -5.19 4.26
CA GLU A 158 16.36 -5.93 4.75
C GLU A 158 17.54 -5.76 3.79
N ASN A 159 17.27 -5.83 2.49
CA ASN A 159 18.35 -5.76 1.51
C ASN A 159 18.98 -4.38 1.39
N LYS A 160 18.18 -3.37 1.72
CA LYS A 160 18.65 -1.98 1.72
C LYS A 160 19.50 -1.68 2.98
N TYR A 161 19.08 -2.17 4.14
CA TYR A 161 19.73 -1.77 5.40
C TYR A 161 20.72 -2.79 5.95
N TYR A 162 20.49 -4.06 5.60
CA TYR A 162 21.34 -5.18 6.06
C TYR A 162 21.75 -5.99 4.84
N PRO A 163 22.48 -5.35 3.89
CA PRO A 163 22.67 -5.98 2.59
C PRO A 163 23.52 -7.23 2.64
N ALA A 164 23.15 -8.20 1.78
CA ALA A 164 23.91 -9.43 1.66
C ALA A 164 25.37 -9.10 1.34
N GLY A 165 26.27 -9.87 1.94
CA GLY A 165 27.70 -9.68 1.75
C GLY A 165 28.32 -8.67 2.67
N SER A 166 27.49 -7.97 3.48
CA SER A 166 28.02 -7.03 4.46
C SER A 166 28.10 -7.63 5.85
N ASP A 167 28.91 -7.01 6.71
CA ASP A 167 29.04 -7.44 8.09
C ASP A 167 27.76 -7.20 8.91
N LYS A 168 26.77 -6.53 8.33
CA LYS A 168 25.49 -6.26 9.03
C LYS A 168 24.47 -7.40 8.81
N ARG A 169 24.68 -8.16 7.73
CA ARG A 169 23.71 -9.18 7.30
C ARG A 169 23.34 -10.14 8.43
N GLN A 170 24.33 -10.51 9.25
CA GLN A 170 24.10 -11.47 10.35
C GLN A 170 23.04 -11.02 11.35
N GLN A 171 22.79 -9.71 11.41
CA GLN A 171 21.82 -9.17 12.37
C GLN A 171 20.41 -9.60 12.06
N LEU A 172 20.17 -10.02 10.81
CA LEU A 172 18.83 -10.52 10.45
C LEU A 172 18.41 -11.76 11.24
N CYS A 173 19.39 -12.53 11.71
CA CYS A 173 19.12 -13.69 12.57
C CYS A 173 18.27 -13.29 13.77
N GLN A 174 18.64 -12.20 14.42
CA GLN A 174 17.91 -11.72 15.60
C GLN A 174 16.68 -10.89 15.18
N ILE A 175 16.86 -10.04 14.17
CA ILE A 175 15.77 -9.16 13.69
C ILE A 175 14.54 -9.97 13.31
N ARG A 176 14.75 -11.07 12.58
CA ARG A 176 13.62 -11.90 12.11
C ARG A 176 12.94 -12.68 13.23
N GLN A 177 13.59 -12.74 14.38
CA GLN A 177 12.99 -13.36 15.57
C GLN A 177 12.42 -12.30 16.54
N TYR A 178 12.14 -11.11 16.01
CA TYR A 178 11.49 -10.01 16.76
C TYR A 178 12.34 -9.45 17.91
N THR A 179 13.65 -9.61 17.82
CA THR A 179 14.53 -8.82 18.69
C THR A 179 14.50 -7.33 18.30
N VAL A 180 14.18 -6.48 19.27
CA VAL A 180 14.07 -5.05 18.98
C VAL A 180 15.41 -4.42 19.27
N LEU A 181 16.17 -4.13 18.20
CA LEU A 181 17.44 -3.44 18.33
C LEU A 181 17.21 -1.95 18.61
N ASP A 182 18.27 -1.25 19.03
CA ASP A 182 18.21 0.12 19.53
C ASP A 182 18.90 1.17 18.68
N ASP A 183 19.65 0.74 17.67
CA ASP A 183 20.56 1.63 16.96
C ASP A 183 19.84 2.37 15.82
N ALA A 184 20.43 3.49 15.37
CA ALA A 184 19.84 4.29 14.28
C ALA A 184 19.51 3.49 13.01
N LEU A 185 20.37 2.55 12.64
CA LEU A 185 20.13 1.76 11.42
C LEU A 185 18.86 0.95 11.57
N PHE A 186 18.71 0.28 12.71
CA PHE A 186 17.49 -0.50 12.93
C PHE A 186 16.23 0.38 12.98
N LYS A 187 16.34 1.58 13.54
CA LYS A 187 15.19 2.49 13.57
C LYS A 187 14.75 2.90 12.15
N GLU A 188 15.73 3.11 11.28
CA GLU A 188 15.45 3.42 9.89
C GLU A 188 14.85 2.24 9.13
N HIS A 189 15.44 1.07 9.34
CA HIS A 189 14.94 -0.16 8.74
C HIS A 189 13.48 -0.40 9.15
N THR A 190 13.21 -0.22 10.44
CA THR A 190 11.85 -0.43 10.95
C THR A 190 10.87 0.60 10.38
N ASP A 191 11.34 1.84 10.20
CA ASP A 191 10.55 2.86 9.47
C ASP A 191 10.24 2.40 8.04
N CYS A 192 11.23 1.84 7.35
CA CYS A 192 11.01 1.27 6.01
C CYS A 192 9.90 0.22 6.00
N VAL A 193 9.96 -0.71 6.96
CA VAL A 193 8.95 -1.81 6.99
C VAL A 193 7.57 -1.27 7.38
N MET A 194 7.51 -0.51 8.45
CA MET A 194 6.23 -0.03 8.98
C MET A 194 5.49 0.86 7.98
N LYS A 195 6.23 1.72 7.30
CA LYS A 195 5.66 2.51 6.19
C LYS A 195 5.31 1.63 4.98
N GLY A 196 6.12 0.61 4.69
CA GLY A 196 5.85 -0.25 3.55
C GLY A 196 4.56 -1.06 3.67
N ILE A 197 4.22 -1.48 4.89
CA ILE A 197 2.94 -2.13 5.13
C ILE A 197 1.85 -1.18 5.64
N ARG A 198 2.13 0.13 5.57
CA ARG A 198 1.13 1.16 5.82
C ARG A 198 0.55 1.25 7.25
N TYR A 199 1.25 0.66 8.22
CA TYR A 199 0.95 0.90 9.65
C TYR A 199 1.28 2.32 10.07
N ILE A 200 2.27 2.92 9.39
CA ILE A 200 2.67 4.29 9.59
C ILE A 200 2.51 4.98 8.23
N THR A 201 1.82 6.12 8.22
CA THR A 201 1.61 6.87 6.97
C THR A 201 2.88 7.59 6.51
N LYS A 202 2.87 8.12 5.29
CA LYS A 202 4.02 8.88 4.77
C LYS A 202 4.41 10.07 5.65
N ASP A 203 3.39 10.74 6.23
CA ASP A 203 3.64 11.81 7.19
C ASP A 203 3.74 11.35 8.65
N ASN A 204 4.23 10.12 8.84
CA ASN A 204 4.56 9.58 10.17
C ASN A 204 3.39 9.49 11.14
N GLN A 205 2.20 9.16 10.66
CA GLN A 205 1.05 8.96 11.57
C GLN A 205 0.70 7.48 11.69
N LEU A 206 0.35 7.05 12.90
CA LEU A 206 -0.14 5.70 13.11
C LEU A 206 -1.46 5.51 12.37
N ASP A 207 -1.57 4.41 11.63
CA ASP A 207 -2.83 4.04 10.99
C ASP A 207 -3.41 2.84 11.71
N VAL A 208 -4.27 3.08 12.70
CA VAL A 208 -4.77 1.99 13.55
C VAL A 208 -5.58 0.98 12.73
N GLU A 209 -6.35 1.47 11.77
CA GLU A 209 -7.18 0.57 10.96
C GLU A 209 -6.38 -0.41 10.12
N GLU A 210 -5.19 0.00 9.68
CA GLU A 210 -4.33 -0.92 8.91
C GLU A 210 -3.83 -2.08 9.80
N VAL A 211 -3.46 -1.76 11.03
CA VAL A 211 -2.97 -2.78 11.96
C VAL A 211 -4.15 -3.73 12.26
N LYS A 212 -5.32 -3.15 12.52
CA LYS A 212 -6.53 -3.92 12.80
C LYS A 212 -6.89 -4.85 11.63
N ARG A 213 -6.70 -4.35 10.41
CA ARG A 213 -6.99 -5.13 9.19
C ARG A 213 -6.18 -6.41 9.20
N ASP A 214 -4.90 -6.32 9.58
CA ASP A 214 -4.05 -7.50 9.59
C ASP A 214 -4.37 -8.47 10.72
N PHE A 215 -4.82 -7.96 11.88
CA PHE A 215 -5.28 -8.84 12.94
C PHE A 215 -6.52 -9.61 12.52
N LYS A 216 -7.46 -8.92 11.86
CA LYS A 216 -8.70 -9.58 11.45
C LYS A 216 -8.41 -10.73 10.48
N LEU A 217 -7.40 -10.53 9.64
CA LEU A 217 -7.00 -11.52 8.62
C LEU A 217 -6.38 -12.79 9.23
N VAL A 218 -5.86 -12.70 10.45
CA VAL A 218 -5.41 -13.88 11.18
C VAL A 218 -6.37 -14.28 12.33
N ASN A 219 -7.64 -13.88 12.21
CA ASN A 219 -8.69 -14.29 13.14
CA ASN A 219 -8.70 -14.31 13.15
C ASN A 219 -8.46 -13.85 14.59
N LYS A 220 -7.89 -12.65 14.75
CA LYS A 220 -7.59 -12.11 16.09
C LYS A 220 -8.47 -10.90 16.40
N ASP A 221 -8.96 -10.81 17.63
CA ASP A 221 -9.79 -9.66 17.97
C ASP A 221 -8.95 -8.40 18.09
N THR A 222 -9.57 -7.26 17.83
CA THR A 222 -8.82 -6.01 17.71
C THR A 222 -9.03 -5.07 18.88
N LYS A 223 -9.89 -5.43 19.83
CA LYS A 223 -10.13 -4.54 20.98
C LYS A 223 -8.88 -4.38 21.86
N ALA A 224 -8.22 -5.50 22.18
CA ALA A 224 -7.04 -5.39 23.03
C ALA A 224 -5.93 -4.66 22.27
N LEU A 225 -5.84 -4.90 20.96
CA LEU A 225 -4.89 -4.22 20.10
C LEU A 225 -5.09 -2.69 20.19
N GLU A 226 -6.34 -2.23 20.06
CA GLU A 226 -6.61 -0.80 20.12
C GLU A 226 -6.20 -0.20 21.46
N GLU A 227 -6.47 -0.94 22.53
CA GLU A 227 -6.11 -0.48 23.86
C GLU A 227 -4.61 -0.34 24.02
N VAL A 228 -3.88 -1.32 23.51
CA VAL A 228 -2.42 -1.29 23.52
C VAL A 228 -1.93 -0.10 22.69
N LEU A 229 -2.48 0.06 21.48
CA LEU A 229 -2.05 1.17 20.62
C LEU A 229 -2.37 2.52 21.23
N ASN A 230 -3.52 2.62 21.91
CA ASN A 230 -3.84 3.83 22.64
C ASN A 230 -2.79 4.15 23.71
N ASP A 231 -2.37 3.14 24.47
CA ASP A 231 -1.27 3.30 25.45
C ASP A 231 0.04 3.70 24.77
N CYS A 232 0.40 3.04 23.67
CA CYS A 232 1.62 3.34 22.90
C CYS A 232 1.60 4.79 22.41
N LYS A 233 0.45 5.22 21.91
CA LYS A 233 0.26 6.58 21.37
C LYS A 233 0.48 7.64 22.44
N SER A 234 0.07 7.32 23.67
CA SER A 234 0.24 8.24 24.80
C SER A 234 1.72 8.43 25.15
N LYS A 235 2.59 7.55 24.64
CA LYS A 235 4.04 7.63 24.90
C LYS A 235 4.88 7.84 23.63
N GLU A 236 4.22 8.33 22.60
CA GLU A 236 4.83 8.61 21.30
C GLU A 236 5.99 9.58 21.46
N PRO A 237 7.16 9.29 20.84
CA PRO A 237 8.28 10.23 20.90
C PRO A 237 7.98 11.49 20.09
N SER A 238 8.59 12.62 20.45
CA SER A 238 8.37 13.88 19.73
C SER A 238 9.01 13.86 18.35
N ASN A 239 10.08 13.07 18.21
CA ASN A 239 10.77 12.93 16.92
C ASN A 239 10.02 11.99 15.98
N ALA A 240 9.48 12.55 14.91
CA ALA A 240 8.61 11.79 13.99
C ALA A 240 9.26 10.58 13.34
N LYS A 241 10.56 10.62 13.12
CA LYS A 241 11.26 9.55 12.41
C LYS A 241 11.53 8.32 13.30
N GLU A 242 11.27 8.47 14.60
CA GLU A 242 11.33 7.34 15.54
C GLU A 242 9.97 6.72 15.81
N LYS A 243 8.92 7.25 15.17
CA LYS A 243 7.57 6.78 15.48
C LYS A 243 7.36 5.33 15.03
N SER A 244 7.86 4.98 13.86
CA SER A 244 7.74 3.59 13.36
C SER A 244 8.34 2.60 14.35
N TRP A 245 9.57 2.86 14.73
CA TRP A 245 10.28 2.01 15.69
C TRP A 245 9.58 2.00 17.05
N HIS A 246 9.11 3.17 17.52
CA HIS A 246 8.34 3.23 18.77
C HIS A 246 7.17 2.24 18.78
N TYR A 247 6.35 2.28 17.73
CA TYR A 247 5.15 1.45 17.70
C TYR A 247 5.50 -0.03 17.52
N TYR A 248 6.50 -0.31 16.68
CA TYR A 248 6.96 -1.70 16.54
C TYR A 248 7.42 -2.25 17.88
N LYS A 249 8.33 -1.53 18.53
CA LYS A 249 8.84 -1.93 19.85
C LYS A 249 7.71 -2.15 20.86
N CYS A 250 6.80 -1.19 20.90
CA CYS A 250 5.70 -1.19 21.85
C CYS A 250 4.81 -2.41 21.62
N LEU A 251 4.47 -2.69 20.36
CA LEU A 251 3.66 -3.84 20.02
C LEU A 251 4.34 -5.18 20.36
N VAL A 252 5.60 -5.33 19.98
CA VAL A 252 6.38 -6.55 20.24
C VAL A 252 6.52 -6.81 21.74
N GLU A 253 6.51 -5.73 22.53
CA GLU A 253 6.70 -5.85 23.99
C GLU A 253 5.38 -5.87 24.81
N SER A 254 4.26 -5.81 24.10
CA SER A 254 2.95 -5.63 24.73
C SER A 254 2.21 -6.95 25.02
N SER A 255 1.05 -6.83 25.69
CA SER A 255 0.22 -7.99 25.95
C SER A 255 -0.43 -8.61 24.72
N VAL A 256 -0.29 -7.97 23.55
CA VAL A 256 -0.78 -8.57 22.31
C VAL A 256 0.37 -9.08 21.42
N LYS A 257 1.55 -9.22 22.01
CA LYS A 257 2.75 -9.59 21.22
C LYS A 257 2.58 -10.82 20.34
N ASP A 258 1.97 -11.88 20.86
CA ASP A 258 1.85 -13.11 20.07
C ASP A 258 0.88 -12.95 18.88
N ASP A 259 -0.24 -12.29 19.12
CA ASP A 259 -1.17 -11.97 18.02
C ASP A 259 -0.51 -11.03 17.01
N PHE A 260 0.25 -10.07 17.52
CA PHE A 260 0.94 -9.14 16.63
C PHE A 260 1.94 -9.89 15.74
N LYS A 261 2.76 -10.74 16.34
CA LYS A 261 3.72 -11.52 15.53
C LYS A 261 3.03 -12.38 14.47
N GLU A 262 1.90 -12.99 14.82
CA GLU A 262 1.16 -13.79 13.88
C GLU A 262 0.63 -12.93 12.71
N ALA A 263 0.04 -11.79 13.05
CA ALA A 263 -0.50 -10.87 12.04
C ALA A 263 0.59 -10.31 11.11
N PHE A 264 1.71 -9.93 11.72
CA PHE A 264 2.85 -9.32 11.02
C PHE A 264 3.50 -10.37 10.11
N ASP A 265 3.65 -11.60 10.60
CA ASP A 265 4.18 -12.68 9.75
C ASP A 265 3.31 -12.92 8.52
N TYR A 266 1.98 -12.93 8.70
CA TYR A 266 1.11 -13.17 7.56
C TYR A 266 1.15 -11.98 6.59
N ARG A 267 1.27 -10.76 7.14
CA ARG A 267 1.40 -9.58 6.29
C ARG A 267 2.65 -9.69 5.42
N GLU A 268 3.75 -10.16 6.00
CA GLU A 268 4.98 -10.32 5.21
C GLU A 268 4.71 -11.26 4.03
N VAL A 269 3.99 -12.35 4.28
CA VAL A 269 3.68 -13.32 3.23
C VAL A 269 2.87 -12.64 2.12
N ARG A 270 1.81 -11.93 2.51
CA ARG A 270 0.95 -11.27 1.55
C ARG A 270 1.66 -10.13 0.82
N SER A 271 2.66 -9.52 1.45
CA SER A 271 3.40 -8.43 0.83
C SER A 271 4.22 -8.94 -0.38
N GLN A 272 4.44 -10.24 -0.45
CA GLN A 272 5.18 -10.84 -1.57
C GLN A 272 4.44 -10.77 -2.91
N ILE A 273 3.11 -10.67 -2.86
CA ILE A 273 2.32 -10.62 -4.11
C ILE A 273 1.16 -9.68 -3.81
N TYR A 274 1.20 -8.47 -4.36
CA TYR A 274 0.15 -7.51 -3.99
C TYR A 274 -1.23 -7.99 -4.40
N ALA A 275 -1.30 -8.74 -5.51
CA ALA A 275 -2.55 -9.38 -5.96
C ALA A 275 -2.88 -10.71 -5.26
N PHE A 276 -2.29 -10.96 -4.09
CA PHE A 276 -2.43 -12.21 -3.30
C PHE A 276 -3.83 -12.79 -3.31
N ASN A 277 -4.80 -11.92 -2.99
CA ASN A 277 -6.21 -12.28 -2.83
C ASN A 277 -7.11 -12.02 -4.04
N LEU A 278 -6.56 -11.54 -5.15
CA LEU A 278 -7.41 -11.06 -6.23
C LEU A 278 -8.17 -12.15 -7.02
N PRO A 279 -7.45 -13.21 -7.49
CA PRO A 279 -8.18 -14.25 -8.23
C PRO A 279 -9.28 -14.92 -7.36
N LYS A 280 -8.98 -15.10 -6.08
CA LYS A 280 -9.95 -15.52 -5.07
C LYS A 280 -9.36 -15.28 -3.70
N ASN A 281 -10.20 -14.93 -2.74
CA ASN A 281 -9.71 -14.76 -1.38
C ASN A 281 -9.10 -16.05 -0.86
N GLN A 282 -7.94 -15.93 -0.23
CA GLN A 282 -7.23 -17.08 0.31
C GLN A 282 -7.53 -17.18 1.78
N ALA A 283 -7.79 -18.39 2.25
CA ALA A 283 -8.04 -18.60 3.67
C ALA A 283 -6.69 -18.70 4.39
N TYR A 284 -6.61 -18.10 5.58
CA TYR A 284 -5.40 -18.14 6.37
C TYR A 284 -5.28 -19.43 7.15
N SER A 285 -4.12 -20.08 7.07
CA SER A 285 -3.80 -21.16 8.00
C SER A 285 -2.45 -20.90 8.65
N LYS A 286 -2.45 -20.88 9.98
CA LYS A 286 -1.25 -20.62 10.77
C LYS A 286 -0.12 -21.58 10.38
N PRO A 287 1.02 -21.05 9.90
CA PRO A 287 2.15 -21.91 9.56
C PRO A 287 2.65 -22.68 10.79
N ALA A 288 3.16 -23.89 10.56
CA ALA A 288 3.74 -24.69 11.64
C ALA A 288 4.99 -24.03 12.18
N VAL A 289 5.22 -24.19 13.48
CA VAL A 289 6.44 -23.71 14.13
C VAL A 289 7.65 -24.60 13.82
N MET A 294 17.12 -21.46 12.49
CA MET A 294 17.02 -20.32 11.58
C MET A 294 18.24 -20.23 10.65
N GLU A 295 17.99 -19.84 9.40
CA GLU A 295 19.04 -19.63 8.41
C GLU A 295 18.93 -18.24 7.76
N ILE A 296 20.07 -17.61 7.47
CA ILE A 296 20.10 -16.40 6.63
C ILE A 296 20.99 -16.66 5.41
N ASP A 297 20.41 -16.57 4.22
CA ASP A 297 21.12 -16.90 2.97
C ASP A 297 21.73 -18.30 3.06
N GLY A 298 20.93 -19.26 3.53
CA GLY A 298 21.39 -20.63 3.70
C GLY A 298 22.37 -20.86 4.85
N LYS A 299 22.94 -19.78 5.39
CA LYS A 299 23.87 -19.86 6.51
C LYS A 299 23.09 -19.96 7.82
N GLN A 300 23.45 -20.91 8.66
CA GLN A 300 22.71 -21.14 9.91
C GLN A 300 22.99 -20.05 10.96
N CYS A 301 21.95 -19.64 11.66
CA CYS A 301 22.05 -18.56 12.64
C CYS A 301 22.57 -19.06 13.97
N PRO A 302 23.42 -18.24 14.65
CA PRO A 302 23.93 -18.63 15.97
C PRO A 302 22.86 -18.48 17.05
#